data_2WEF
#
_entry.id   2WEF
#
_cell.length_a   38.980
_cell.length_b   67.664
_cell.length_c   100.394
_cell.angle_alpha   90.00
_cell.angle_beta   90.00
_cell.angle_gamma   90.00
#
_symmetry.space_group_name_H-M   'P 2 21 21'
#
loop_
_entity.id
_entity.type
_entity.pdbx_description
1 polymer "3'(2')\, 5'-BISPHOSPHATE NUCLEOTIDASE 1"
2 non-polymer 'MAGNESIUM ION'
3 non-polymer 'PHOSPHATE ION'
4 non-polymer 'ADENOSINE MONOPHOSPHATE'
5 water water
#
_entity_poly.entity_id   1
_entity_poly.type   'polypeptide(L)'
_entity_poly.pdbx_seq_one_letter_code
;MTVLMRLVASAYSIAQKAGMIVRRVIAEGDLGIVEKTCATDLQTKADRLAQMSICSSLARKFPKLTIIGEEDLPSEEVDQ
ELIEDSQWEEILKQPCPSQYSAIKEEDLVVWVDPLDGTKEYTEGLLDNVTVLIGIAYEGKAIAGVINQPYYNYEAGPDAV
LGRTIWGVLGLGAFGFQLKEVPAGKHIITTTRSHSNKLVTDCVAAMNPDAVLRVGGAGNKIIQLIEGKASAYVFASPGCK
KWDTCAPEVILHAVGGKLTDIHGNVLQYHKDVKHMNSAGVLATLRNYDYYASRVPESIKNALVPAHHHHHH
;
_entity_poly.pdbx_strand_id   A
#
loop_
_chem_comp.id
_chem_comp.type
_chem_comp.name
_chem_comp.formula
AMP non-polymer 'ADENOSINE MONOPHOSPHATE' 'C10 H14 N5 O7 P'
MG non-polymer 'MAGNESIUM ION' 'Mg 2'
PO4 non-polymer 'PHOSPHATE ION' 'O4 P -3'
#
# COMPACT_ATOMS: atom_id res chain seq x y z
N THR A 2 -18.39 -4.72 15.65
CA THR A 2 -17.83 -3.35 15.80
C THR A 2 -17.71 -2.61 14.47
N VAL A 3 -17.72 -1.29 14.54
CA VAL A 3 -17.52 -0.43 13.34
C VAL A 3 -16.22 -0.80 12.63
N LEU A 4 -15.14 -0.86 13.38
CA LEU A 4 -13.86 -1.16 12.76
C LEU A 4 -13.89 -2.46 12.01
N MET A 5 -14.41 -3.54 12.58
CA MET A 5 -14.28 -4.82 11.89
C MET A 5 -15.23 -4.91 10.69
N ARG A 6 -16.39 -4.29 10.79
CA ARG A 6 -17.28 -4.18 9.63
C ARG A 6 -16.67 -3.34 8.56
N LEU A 7 -15.95 -2.29 8.95
CA LEU A 7 -15.16 -1.55 7.97
C LEU A 7 -14.09 -2.38 7.22
N VAL A 8 -13.35 -3.14 7.98
CA VAL A 8 -12.26 -3.98 7.47
C VAL A 8 -12.91 -5.02 6.53
N ALA A 9 -14.05 -5.61 6.94
CA ALA A 9 -14.69 -6.67 6.17
C ALA A 9 -15.21 -6.08 4.82
N SER A 10 -15.72 -4.87 4.91
CA SER A 10 -16.16 -4.12 3.72
C SER A 10 -14.98 -3.69 2.81
N ALA A 11 -13.91 -3.23 3.42
CA ALA A 11 -12.71 -2.85 2.67
C ALA A 11 -12.14 -4.06 1.91
N TYR A 12 -12.23 -5.27 2.49
CA TYR A 12 -11.72 -6.47 1.84
C TYR A 12 -12.50 -6.66 0.55
N SER A 13 -13.82 -6.67 0.62
CA SER A 13 -14.66 -6.92 -0.60
C SER A 13 -14.52 -5.80 -1.65
N ILE A 14 -14.37 -4.58 -1.16
CA ILE A 14 -14.18 -3.38 -1.99
C ILE A 14 -12.85 -3.40 -2.75
N ALA A 15 -11.79 -3.84 -2.06
CA ALA A 15 -10.52 -3.99 -2.67
C ALA A 15 -10.55 -5.06 -3.74
N GLN A 16 -11.28 -6.12 -3.49
CA GLN A 16 -11.41 -7.15 -4.51
C GLN A 16 -12.11 -6.60 -5.73
N LYS A 17 -13.14 -5.78 -5.53
CA LYS A 17 -13.86 -5.19 -6.65
C LYS A 17 -12.93 -4.29 -7.45
N ALA A 18 -12.12 -3.52 -6.73
CA ALA A 18 -11.09 -2.66 -7.35
C ALA A 18 -10.12 -3.51 -8.17
N GLY A 19 -9.72 -4.64 -7.62
CA GLY A 19 -8.84 -5.58 -8.36
C GLY A 19 -9.51 -6.08 -9.64
N MET A 20 -10.79 -6.40 -9.58
CA MET A 20 -11.55 -6.80 -10.80
C MET A 20 -11.50 -5.67 -11.85
N ILE A 21 -11.67 -4.42 -11.40
CA ILE A 21 -11.67 -3.27 -12.30
C ILE A 21 -10.31 -3.10 -12.94
N VAL A 22 -9.26 -3.23 -12.13
CA VAL A 22 -7.92 -3.18 -12.62
C VAL A 22 -7.67 -4.25 -13.72
N ARG A 23 -8.10 -5.48 -13.52
CA ARG A 23 -7.92 -6.53 -14.51
C ARG A 23 -8.81 -6.27 -15.75
N ARG A 24 -10.00 -5.71 -15.56
CA ARG A 24 -10.95 -5.45 -16.69
C ARG A 24 -10.40 -4.41 -17.60
N VAL A 25 -9.79 -3.39 -17.03
CA VAL A 25 -9.19 -2.38 -17.89
C VAL A 25 -8.15 -2.95 -18.85
N ILE A 26 -7.22 -3.76 -18.33
CA ILE A 26 -6.24 -4.44 -19.18
C ILE A 26 -6.95 -5.37 -20.18
N ALA A 27 -7.97 -6.11 -19.72
CA ALA A 27 -8.64 -7.11 -20.59
C ALA A 27 -9.26 -6.39 -21.81
N GLU A 28 -9.72 -5.17 -21.61
CA GLU A 28 -10.38 -4.40 -22.65
C GLU A 28 -9.38 -3.58 -23.50
N GLY A 29 -8.11 -3.45 -23.08
CA GLY A 29 -7.07 -2.90 -23.94
C GLY A 29 -6.89 -1.39 -24.13
N ASP A 30 -7.72 -0.58 -23.53
CA ASP A 30 -7.53 0.88 -23.56
C ASP A 30 -7.27 1.38 -22.14
N LEU A 31 -6.02 1.74 -21.85
CA LEU A 31 -5.65 2.18 -20.49
C LEU A 31 -6.01 3.64 -20.18
N GLY A 32 -6.34 4.45 -21.19
CA GLY A 32 -6.64 5.86 -21.01
C GLY A 32 -5.60 6.62 -20.19
N ILE A 33 -4.34 6.51 -20.59
CA ILE A 33 -3.26 7.08 -19.83
C ILE A 33 -3.22 8.60 -19.89
N VAL A 34 -3.18 9.23 -18.74
CA VAL A 34 -3.02 10.63 -18.58
C VAL A 34 -1.69 10.84 -17.87
N GLU A 35 -0.83 11.72 -18.37
CA GLU A 35 0.38 12.14 -17.64
C GLU A 35 0.00 13.18 -16.63
N LYS A 36 0.50 13.08 -15.41
CA LYS A 36 0.21 14.11 -14.40
C LYS A 36 1.42 15.05 -14.40
N THR A 37 2.39 14.90 -13.52
CA THR A 37 3.49 15.91 -13.52
C THR A 37 4.57 15.61 -14.58
N CYS A 38 4.66 14.37 -15.07
CA CYS A 38 5.73 13.91 -15.97
C CYS A 38 5.41 12.53 -16.49
N ALA A 39 6.32 11.96 -17.27
CA ALA A 39 6.03 10.73 -17.96
C ALA A 39 6.06 9.50 -17.07
N THR A 40 6.61 9.65 -15.87
CA THR A 40 6.67 8.56 -14.88
C THR A 40 5.59 8.74 -13.79
N ASP A 41 4.72 9.74 -13.93
CA ASP A 41 3.66 10.08 -12.93
C ASP A 41 2.34 9.97 -13.70
N LEU A 42 1.76 8.75 -13.73
CA LEU A 42 0.63 8.46 -14.61
C LEU A 42 -0.68 8.16 -13.90
N GLN A 43 -1.79 8.30 -14.64
CA GLN A 43 -3.12 7.99 -14.14
C GLN A 43 -3.84 7.30 -15.28
N THR A 44 -4.37 6.10 -15.03
CA THR A 44 -5.05 5.39 -16.10
C THR A 44 -6.53 5.32 -15.76
N LYS A 45 -7.31 4.81 -16.72
CA LYS A 45 -8.70 4.53 -16.51
C LYS A 45 -8.94 3.60 -15.30
N ALA A 46 -8.02 2.68 -15.05
CA ALA A 46 -8.13 1.82 -13.84
C ALA A 46 -7.95 2.61 -12.55
N ASP A 47 -7.00 3.55 -12.49
CA ASP A 47 -6.84 4.42 -11.32
C ASP A 47 -8.12 5.15 -11.04
N ARG A 48 -8.68 5.72 -12.09
CA ARG A 48 -9.88 6.57 -11.89
C ARG A 48 -11.11 5.76 -11.49
N LEU A 49 -11.38 4.67 -12.23
CA LEU A 49 -12.54 3.80 -11.93
C LEU A 49 -12.39 3.09 -10.58
N ALA A 50 -11.20 2.61 -10.27
CA ALA A 50 -10.98 1.95 -8.95
C ALA A 50 -11.22 2.94 -7.82
N GLN A 51 -10.72 4.17 -7.95
CA GLN A 51 -10.91 5.15 -6.90
C GLN A 51 -12.36 5.50 -6.75
N MET A 52 -13.08 5.64 -7.88
CA MET A 52 -14.50 5.95 -7.78
C MET A 52 -15.20 4.82 -7.05
N SER A 53 -14.87 3.58 -7.40
CA SER A 53 -15.48 2.42 -6.80
C SER A 53 -15.20 2.39 -5.28
N ILE A 54 -13.95 2.50 -4.93
CA ILE A 54 -13.56 2.37 -3.52
C ILE A 54 -14.23 3.47 -2.67
N CYS A 55 -14.00 4.70 -3.08
CA CYS A 55 -14.49 5.84 -2.31
C CYS A 55 -16.04 5.92 -2.22
N SER A 56 -16.70 5.71 -3.33
CA SER A 56 -18.18 5.61 -3.34
C SER A 56 -18.74 4.51 -2.48
N SER A 57 -18.11 3.35 -2.53
CA SER A 57 -18.62 2.18 -1.80
C SER A 57 -18.42 2.38 -0.29
N LEU A 58 -17.24 2.92 0.10
CA LEU A 58 -16.99 3.27 1.50
C LEU A 58 -17.95 4.38 1.99
N ALA A 59 -18.12 5.42 1.18
CA ALA A 59 -18.96 6.58 1.64
C ALA A 59 -20.40 6.19 1.77
N ARG A 60 -20.85 5.27 0.94
N ARG A 60 -20.84 5.25 0.94
CA ARG A 60 -22.25 4.83 1.03
CA ARG A 60 -22.24 4.80 1.01
C ARG A 60 -22.49 4.13 2.38
C ARG A 60 -22.53 4.05 2.31
N LYS A 61 -21.58 3.22 2.74
CA LYS A 61 -21.72 2.46 3.97
C LYS A 61 -21.32 3.24 5.22
N PHE A 62 -20.41 4.19 5.09
CA PHE A 62 -19.86 4.90 6.24
C PHE A 62 -19.85 6.39 5.89
N PRO A 63 -21.00 7.01 5.95
CA PRO A 63 -21.12 8.38 5.49
C PRO A 63 -20.36 9.48 6.21
N LYS A 64 -19.91 9.27 7.43
CA LYS A 64 -19.14 10.28 8.17
C LYS A 64 -17.67 9.93 8.23
N LEU A 65 -17.22 8.88 7.51
CA LEU A 65 -15.81 8.50 7.50
C LEU A 65 -15.03 9.54 6.70
N THR A 66 -13.78 9.83 7.07
CA THR A 66 -12.87 10.62 6.24
C THR A 66 -12.12 9.69 5.32
N ILE A 67 -12.24 9.97 4.02
CA ILE A 67 -11.62 9.16 3.00
C ILE A 67 -10.72 10.04 2.17
N ILE A 68 -9.44 9.64 2.06
CA ILE A 68 -8.44 10.42 1.32
C ILE A 68 -7.78 9.56 0.26
N GLY A 69 -8.09 9.82 -1.00
CA GLY A 69 -7.55 9.05 -2.15
C GLY A 69 -6.54 9.79 -2.99
N GLU A 70 -5.62 9.05 -3.58
CA GLU A 70 -4.53 9.67 -4.33
C GLU A 70 -4.95 10.64 -5.44
N GLU A 71 -5.91 10.21 -6.24
CA GLU A 71 -6.25 10.89 -7.47
C GLU A 71 -7.18 12.07 -7.17
N ASP A 72 -6.97 13.17 -7.89
CA ASP A 72 -7.79 14.37 -7.71
C ASP A 72 -8.82 14.29 -8.80
N LEU A 73 -10.01 13.80 -8.46
CA LEU A 73 -11.01 13.52 -9.47
C LEU A 73 -12.16 14.51 -9.33
N PRO A 74 -12.53 15.18 -10.43
CA PRO A 74 -13.70 16.07 -10.31
C PRO A 74 -14.90 15.29 -9.80
N SER A 75 -15.79 15.97 -9.08
CA SER A 75 -16.95 15.30 -8.51
C SER A 75 -18.00 15.11 -9.60
N GLU A 76 -18.33 13.86 -9.89
CA GLU A 76 -19.27 13.45 -10.95
C GLU A 76 -20.40 12.54 -10.43
N GLU A 77 -21.28 12.14 -11.35
CA GLU A 77 -22.05 10.89 -11.21
C GLU A 77 -21.08 9.71 -11.07
N VAL A 78 -21.31 8.86 -10.08
CA VAL A 78 -20.59 7.58 -10.06
C VAL A 78 -21.49 6.47 -10.61
N ASP A 79 -20.90 5.72 -11.54
CA ASP A 79 -21.52 4.56 -12.14
C ASP A 79 -21.88 3.59 -11.03
N GLN A 80 -23.18 3.33 -10.87
CA GLN A 80 -23.67 2.48 -9.80
C GLN A 80 -23.21 1.03 -9.87
N GLU A 81 -22.82 0.55 -11.06
CA GLU A 81 -22.21 -0.80 -11.21
C GLU A 81 -20.84 -0.86 -10.47
N LEU A 82 -20.30 0.29 -10.13
CA LEU A 82 -18.98 0.32 -9.51
C LEU A 82 -19.11 0.13 -7.99
N ILE A 83 -20.32 0.22 -7.45
CA ILE A 83 -20.52 0.08 -6.03
C ILE A 83 -20.40 -1.37 -5.61
N GLU A 84 -19.61 -1.61 -4.59
CA GLU A 84 -19.49 -2.95 -3.95
C GLU A 84 -20.23 -2.90 -2.62
N ASP A 85 -21.27 -3.72 -2.49
N ASP A 85 -21.28 -3.72 -2.48
CA ASP A 85 -22.06 -3.78 -1.25
CA ASP A 85 -22.03 -3.77 -1.23
C ASP A 85 -21.66 -4.90 -0.29
C ASP A 85 -21.67 -4.92 -0.29
N SER A 86 -20.85 -5.84 -0.75
CA SER A 86 -20.50 -7.02 0.05
C SER A 86 -19.49 -6.72 1.14
N GLN A 87 -19.49 -7.56 2.14
CA GLN A 87 -18.43 -7.55 3.12
C GLN A 87 -18.17 -8.98 3.46
N TRP A 88 -16.88 -9.33 3.65
CA TRP A 88 -16.50 -10.72 3.80
C TRP A 88 -16.78 -11.17 5.22
N GLU A 89 -17.77 -12.05 5.37
CA GLU A 89 -18.23 -12.44 6.71
C GLU A 89 -17.16 -13.09 7.53
N GLU A 90 -16.17 -13.68 6.88
CA GLU A 90 -15.11 -14.33 7.64
C GLU A 90 -14.28 -13.37 8.52
N ILE A 91 -14.16 -12.11 8.08
CA ILE A 91 -13.46 -11.13 8.86
C ILE A 91 -14.27 -10.67 10.06
N LEU A 92 -15.57 -10.60 9.88
CA LEU A 92 -16.45 -10.26 10.98
C LEU A 92 -16.57 -11.33 12.06
N LYS A 93 -16.05 -12.49 11.76
CA LYS A 93 -15.92 -13.55 12.79
C LYS A 93 -14.76 -13.31 13.76
N GLN A 94 -13.87 -12.38 13.42
CA GLN A 94 -12.69 -12.14 14.27
C GLN A 94 -13.02 -11.07 15.30
N PRO A 95 -12.64 -11.25 16.59
CA PRO A 95 -12.95 -10.32 17.71
C PRO A 95 -12.22 -9.01 17.49
N CYS A 96 -12.90 -7.89 17.56
CA CYS A 96 -12.21 -6.62 17.50
C CYS A 96 -11.31 -6.45 18.75
N PRO A 97 -10.06 -6.04 18.56
CA PRO A 97 -9.26 -5.75 19.76
C PRO A 97 -9.97 -4.73 20.66
N SER A 98 -9.93 -4.93 21.98
CA SER A 98 -10.72 -4.05 22.87
C SER A 98 -10.34 -2.61 22.76
N GLN A 99 -9.08 -2.28 22.47
CA GLN A 99 -8.70 -0.88 22.31
C GLN A 99 -9.42 -0.16 21.16
N TYR A 100 -9.91 -0.91 20.20
CA TYR A 100 -10.59 -0.34 19.03
C TYR A 100 -12.11 -0.50 19.03
N SER A 101 -12.62 -1.17 20.04
CA SER A 101 -14.00 -1.66 20.06
C SER A 101 -15.04 -0.49 20.17
N ALA A 102 -14.61 0.67 20.64
CA ALA A 102 -15.45 1.85 20.84
C ALA A 102 -15.29 2.93 19.79
N ILE A 103 -14.39 2.75 18.85
CA ILE A 103 -14.16 3.79 17.87
C ILE A 103 -15.43 4.06 17.03
N LYS A 104 -15.69 5.35 16.84
CA LYS A 104 -16.77 5.89 15.98
C LYS A 104 -16.25 6.15 14.57
N GLU A 105 -17.09 5.97 13.56
CA GLU A 105 -16.66 6.16 12.20
C GLU A 105 -16.11 7.55 11.92
N GLU A 106 -16.62 8.58 12.61
CA GLU A 106 -16.12 9.91 12.34
C GLU A 106 -14.71 10.12 12.78
N ASP A 107 -14.20 9.21 13.58
CA ASP A 107 -12.81 9.33 14.05
C ASP A 107 -11.79 8.54 13.24
N LEU A 108 -12.23 7.85 12.22
CA LEU A 108 -11.34 7.05 11.37
C LEU A 108 -10.97 7.81 10.11
N VAL A 109 -9.74 7.58 9.64
CA VAL A 109 -9.28 8.16 8.39
C VAL A 109 -8.90 7.00 7.47
N VAL A 110 -9.43 6.96 6.28
CA VAL A 110 -9.08 5.94 5.30
C VAL A 110 -8.21 6.53 4.20
N TRP A 111 -7.01 5.97 4.05
CA TRP A 111 -6.02 6.40 3.06
C TRP A 111 -6.01 5.42 1.88
N VAL A 112 -6.43 5.86 0.71
CA VAL A 112 -6.64 4.97 -0.41
C VAL A 112 -5.70 5.26 -1.61
N ASP A 113 -4.96 4.23 -2.04
CA ASP A 113 -4.25 4.21 -3.26
C ASP A 113 -4.95 3.23 -4.13
N PRO A 114 -5.71 3.75 -5.10
CA PRO A 114 -6.62 2.88 -5.84
C PRO A 114 -5.91 1.97 -6.76
N LEU A 115 -4.68 2.34 -7.12
CA LEU A 115 -3.80 1.50 -7.96
C LEU A 115 -2.41 2.02 -7.68
N ASP A 116 -1.60 1.19 -7.05
CA ASP A 116 -0.21 1.48 -6.72
C ASP A 116 0.66 0.70 -7.62
N GLY A 117 1.58 1.41 -8.29
CA GLY A 117 2.41 0.86 -9.34
C GLY A 117 1.87 1.09 -10.73
N THR A 118 1.23 2.23 -10.92
CA THR A 118 0.62 2.57 -12.20
C THR A 118 1.61 2.59 -13.40
N LYS A 119 2.81 3.09 -13.18
CA LYS A 119 3.81 3.13 -14.29
C LYS A 119 4.08 1.71 -14.73
N GLU A 120 4.33 0.81 -13.76
CA GLU A 120 4.56 -0.56 -14.07
C GLU A 120 3.39 -1.28 -14.70
N TYR A 121 2.17 -0.90 -14.29
CA TYR A 121 0.93 -1.43 -14.87
C TYR A 121 0.93 -1.12 -16.35
N THR A 122 1.24 0.12 -16.69
CA THR A 122 1.31 0.51 -18.13
C THR A 122 2.36 -0.19 -18.94
N GLU A 123 3.40 -0.72 -18.27
CA GLU A 123 4.55 -1.32 -18.93
C GLU A 123 4.40 -2.84 -18.92
N GLY A 124 3.34 -3.38 -18.32
CA GLY A 124 3.11 -4.83 -18.31
C GLY A 124 3.74 -5.58 -17.16
N LEU A 125 4.29 -4.87 -16.18
CA LEU A 125 4.82 -5.54 -15.01
C LEU A 125 3.67 -5.70 -14.01
N LEU A 126 2.69 -6.53 -14.39
CA LEU A 126 1.39 -6.50 -13.72
C LEU A 126 1.42 -6.94 -12.30
N ASP A 127 2.37 -7.80 -11.91
CA ASP A 127 2.29 -8.26 -10.55
C ASP A 127 2.84 -7.24 -9.54
N ASN A 128 3.40 -6.14 -10.02
CA ASN A 128 3.82 -5.02 -9.13
C ASN A 128 2.66 -4.25 -8.55
N VAL A 129 1.48 -4.36 -9.15
CA VAL A 129 0.33 -3.56 -8.80
C VAL A 129 -0.36 -4.02 -7.54
N THR A 130 -0.67 -3.05 -6.67
CA THR A 130 -1.56 -3.33 -5.53
C THR A 130 -2.69 -2.27 -5.47
N VAL A 131 -3.72 -2.56 -4.71
CA VAL A 131 -4.78 -1.63 -4.32
C VAL A 131 -4.64 -1.53 -2.79
N LEU A 132 -4.46 -0.35 -2.28
CA LEU A 132 -4.17 -0.10 -0.88
C LEU A 132 -5.30 0.66 -0.17
N ILE A 133 -5.84 0.06 0.88
CA ILE A 133 -6.86 0.75 1.70
C ILE A 133 -6.36 0.64 3.12
N GLY A 134 -5.94 1.78 3.66
CA GLY A 134 -5.35 1.88 4.99
C GLY A 134 -6.37 2.60 5.89
N ILE A 135 -6.42 2.20 7.14
CA ILE A 135 -7.33 2.76 8.16
C ILE A 135 -6.52 3.26 9.38
N ALA A 136 -6.72 4.51 9.73
CA ALA A 136 -5.92 5.14 10.77
C ALA A 136 -6.87 5.71 11.85
N TYR A 137 -6.38 5.70 13.07
CA TYR A 137 -7.06 6.26 14.25
C TYR A 137 -6.02 6.97 15.13
N GLU A 138 -6.31 8.20 15.52
CA GLU A 138 -5.36 9.01 16.37
C GLU A 138 -4.02 9.15 15.71
N GLY A 139 -4.02 9.22 14.37
CA GLY A 139 -2.75 9.36 13.69
C GLY A 139 -1.94 8.11 13.44
N LYS A 140 -2.42 6.95 13.91
CA LYS A 140 -1.71 5.71 13.80
C LYS A 140 -2.45 4.83 12.78
N ALA A 141 -1.68 4.10 11.96
CA ALA A 141 -2.26 3.17 11.01
C ALA A 141 -2.62 1.89 11.82
N ILE A 142 -3.89 1.53 11.87
CA ILE A 142 -4.34 0.40 12.67
C ILE A 142 -4.88 -0.85 11.90
N ALA A 143 -5.27 -0.67 10.65
CA ALA A 143 -5.83 -1.76 9.89
C ALA A 143 -5.63 -1.50 8.40
N GLY A 144 -5.55 -2.57 7.63
CA GLY A 144 -5.23 -2.39 6.26
C GLY A 144 -5.66 -3.56 5.40
N VAL A 145 -5.98 -3.24 4.15
CA VAL A 145 -6.26 -4.28 3.11
C VAL A 145 -5.37 -3.94 1.91
N ILE A 146 -4.77 -4.95 1.35
CA ILE A 146 -3.97 -4.88 0.14
C ILE A 146 -4.51 -5.94 -0.84
N ASN A 147 -5.00 -5.47 -1.99
CA ASN A 147 -5.35 -6.45 -3.07
C ASN A 147 -4.18 -6.44 -4.01
N GLN A 148 -3.75 -7.63 -4.48
CA GLN A 148 -2.70 -7.75 -5.47
C GLN A 148 -3.34 -8.47 -6.67
N PRO A 149 -3.94 -7.68 -7.56
CA PRO A 149 -4.88 -8.29 -8.53
C PRO A 149 -4.20 -9.26 -9.54
N TYR A 150 -2.91 -9.12 -9.73
CA TYR A 150 -2.17 -9.99 -10.62
C TYR A 150 -1.18 -10.90 -9.95
N TYR A 151 -1.37 -11.12 -8.64
CA TYR A 151 -0.63 -12.17 -8.00
C TYR A 151 -0.84 -13.47 -8.82
N ASN A 152 0.24 -14.16 -9.04
CA ASN A 152 0.23 -15.44 -9.78
C ASN A 152 -0.05 -15.31 -11.30
N TYR A 153 0.10 -14.12 -11.85
CA TYR A 153 -0.15 -13.83 -13.29
C TYR A 153 0.64 -14.83 -14.16
N GLU A 154 1.87 -15.17 -13.74
CA GLU A 154 2.76 -16.07 -14.53
C GLU A 154 2.87 -17.48 -13.99
N ALA A 155 2.01 -17.86 -13.02
CA ALA A 155 2.10 -19.13 -12.33
C ALA A 155 1.42 -20.24 -13.05
N GLY A 156 0.81 -19.93 -14.19
CA GLY A 156 0.18 -21.00 -14.96
C GLY A 156 -1.29 -21.23 -14.71
N PRO A 157 -1.84 -22.18 -15.47
CA PRO A 157 -3.26 -22.17 -15.53
C PRO A 157 -3.96 -22.81 -14.37
N ASP A 158 -3.25 -23.54 -13.49
CA ASP A 158 -3.89 -24.09 -12.26
C ASP A 158 -3.96 -23.13 -11.04
N ALA A 159 -3.31 -21.98 -11.14
CA ALA A 159 -3.15 -21.03 -10.01
C ALA A 159 -4.34 -20.09 -9.92
N VAL A 160 -4.61 -19.62 -8.69
CA VAL A 160 -5.57 -18.59 -8.46
C VAL A 160 -4.95 -17.28 -8.85
N LEU A 161 -5.64 -16.49 -9.65
CA LEU A 161 -5.14 -15.17 -10.06
C LEU A 161 -5.68 -14.13 -9.09
N GLY A 162 -4.77 -13.36 -8.48
CA GLY A 162 -5.15 -12.28 -7.57
C GLY A 162 -5.16 -12.82 -6.12
N ARG A 163 -4.91 -11.94 -5.17
CA ARG A 163 -5.08 -12.26 -3.75
C ARG A 163 -5.32 -10.98 -2.97
N THR A 164 -5.91 -11.14 -1.78
CA THR A 164 -6.09 -10.02 -0.89
C THR A 164 -5.56 -10.35 0.48
N ILE A 165 -4.77 -9.44 1.04
CA ILE A 165 -4.06 -9.53 2.34
C ILE A 165 -4.73 -8.51 3.20
N TRP A 166 -4.86 -8.84 4.48
CA TRP A 166 -5.45 -7.88 5.41
C TRP A 166 -4.84 -8.02 6.78
N GLY A 167 -4.95 -6.95 7.57
CA GLY A 167 -4.50 -7.03 8.93
C GLY A 167 -5.12 -5.97 9.81
N VAL A 168 -5.09 -6.26 11.14
CA VAL A 168 -5.57 -5.35 12.16
C VAL A 168 -4.61 -5.54 13.30
N LEU A 169 -4.03 -4.45 13.76
CA LEU A 169 -3.04 -4.55 14.85
C LEU A 169 -3.77 -5.07 16.11
N GLY A 170 -3.26 -6.16 16.69
CA GLY A 170 -3.94 -6.88 17.77
C GLY A 170 -4.52 -8.18 17.29
N LEU A 171 -4.77 -8.32 15.97
CA LEU A 171 -5.22 -9.62 15.45
C LEU A 171 -4.19 -10.26 14.52
N GLY A 172 -3.28 -9.47 13.99
CA GLY A 172 -2.24 -9.98 13.12
C GLY A 172 -2.59 -9.70 11.67
N ALA A 173 -1.92 -10.42 10.78
CA ALA A 173 -2.17 -10.22 9.37
C ALA A 173 -2.33 -11.57 8.66
N PHE A 174 -3.08 -11.56 7.57
CA PHE A 174 -3.64 -12.75 6.96
C PHE A 174 -3.51 -12.66 5.41
N GLY A 175 -3.44 -13.82 4.80
CA GLY A 175 -3.46 -13.93 3.35
C GLY A 175 -2.15 -14.20 2.64
N PHE A 176 -1.09 -14.47 3.39
CA PHE A 176 0.25 -14.71 2.80
C PHE A 176 1.00 -15.66 3.78
N GLN A 177 2.12 -16.20 3.30
CA GLN A 177 3.04 -17.04 4.08
C GLN A 177 4.29 -16.24 4.40
N LEU A 178 4.41 -15.95 5.67
CA LEU A 178 5.56 -15.21 6.15
C LEU A 178 6.86 -15.99 5.95
N LYS A 179 7.89 -15.32 5.40
CA LYS A 179 9.19 -15.95 5.22
C LYS A 179 10.30 -14.91 5.38
N GLU A 180 11.45 -15.35 5.89
CA GLU A 180 12.63 -14.48 6.04
C GLU A 180 13.64 -14.74 4.95
N VAL A 181 14.43 -13.73 4.64
CA VAL A 181 15.49 -13.87 3.65
C VAL A 181 16.55 -14.85 4.25
N PRO A 182 17.28 -15.63 3.43
CA PRO A 182 18.39 -16.47 3.97
C PRO A 182 19.44 -15.67 4.78
N ALA A 183 19.94 -16.27 5.86
CA ALA A 183 20.70 -15.55 6.90
C ALA A 183 21.94 -14.85 6.32
N GLY A 184 22.30 -13.71 6.91
CA GLY A 184 23.44 -12.91 6.44
C GLY A 184 23.32 -12.25 5.06
N LYS A 185 22.16 -12.35 4.40
CA LYS A 185 22.02 -11.81 3.02
C LYS A 185 21.30 -10.49 3.09
N HIS A 186 21.85 -9.50 2.41
CA HIS A 186 21.25 -8.18 2.38
C HIS A 186 20.68 -7.95 0.97
N ILE A 187 19.37 -8.04 0.85
CA ILE A 187 18.69 -7.88 -0.41
C ILE A 187 17.80 -6.61 -0.31
N ILE A 188 18.20 -5.57 -1.04
CA ILE A 188 17.54 -4.27 -0.91
C ILE A 188 16.59 -4.13 -2.09
N THR A 189 15.38 -3.70 -1.83
CA THR A 189 14.42 -3.47 -2.90
C THR A 189 14.18 -1.96 -2.94
N THR A 190 14.01 -1.46 -4.14
CA THR A 190 13.76 -0.05 -4.30
C THR A 190 13.04 0.24 -5.61
N THR A 191 12.84 1.52 -5.84
CA THR A 191 12.10 1.99 -7.02
C THR A 191 12.75 1.54 -8.34
N ARG A 192 11.93 1.25 -9.32
CA ARG A 192 12.33 1.01 -10.68
C ARG A 192 12.25 2.29 -11.51
N SER A 193 11.19 3.09 -11.32
CA SER A 193 10.85 4.24 -12.20
C SER A 193 11.12 5.64 -11.64
N HIS A 194 11.46 5.75 -10.35
CA HIS A 194 11.61 7.02 -9.71
C HIS A 194 12.96 7.12 -8.99
N SER A 195 14.01 6.59 -9.64
CA SER A 195 15.34 6.50 -9.03
C SER A 195 16.05 7.84 -9.25
N ASN A 196 17.04 8.13 -8.43
CA ASN A 196 17.93 9.27 -8.57
C ASN A 196 19.23 8.97 -7.79
N LYS A 197 20.24 9.82 -7.90
CA LYS A 197 21.54 9.60 -7.24
C LYS A 197 21.39 9.38 -5.74
N LEU A 198 20.53 10.14 -5.06
CA LEU A 198 20.38 9.97 -3.60
C LEU A 198 19.84 8.57 -3.26
N VAL A 199 18.89 8.12 -4.07
CA VAL A 199 18.26 6.80 -3.89
C VAL A 199 19.33 5.69 -4.04
N THR A 200 20.12 5.74 -5.11
CA THR A 200 21.12 4.72 -5.36
C THR A 200 22.32 4.82 -4.42
N ASP A 201 22.68 6.01 -4.00
CA ASP A 201 23.75 6.15 -2.98
C ASP A 201 23.31 5.53 -1.65
N CYS A 202 22.05 5.76 -1.28
CA CYS A 202 21.52 5.19 -0.02
C CYS A 202 21.47 3.65 -0.08
N VAL A 203 21.10 3.11 -1.25
CA VAL A 203 21.13 1.67 -1.48
C VAL A 203 22.55 1.15 -1.33
N ALA A 204 23.49 1.80 -1.99
CA ALA A 204 24.90 1.35 -2.00
C ALA A 204 25.43 1.29 -0.55
N ALA A 205 24.99 2.24 0.27
CA ALA A 205 25.51 2.29 1.64
C ALA A 205 25.12 1.09 2.48
N MET A 206 24.13 0.33 2.04
CA MET A 206 23.68 -0.86 2.78
C MET A 206 24.55 -2.08 2.50
N ASN A 207 25.53 -1.94 1.59
CA ASN A 207 26.38 -3.09 1.13
C ASN A 207 25.52 -4.27 0.67
N PRO A 208 24.67 -4.05 -0.33
CA PRO A 208 23.72 -5.03 -0.76
C PRO A 208 24.38 -6.27 -1.40
N ASP A 209 23.88 -7.46 -1.10
CA ASP A 209 24.18 -8.62 -1.95
C ASP A 209 23.39 -8.62 -3.26
N ALA A 210 22.18 -8.08 -3.22
CA ALA A 210 21.29 -7.97 -4.38
C ALA A 210 20.45 -6.71 -4.18
N VAL A 211 20.13 -6.08 -5.27
CA VAL A 211 19.22 -4.90 -5.34
C VAL A 211 18.10 -5.26 -6.35
N LEU A 212 16.87 -5.16 -5.92
CA LEU A 212 15.74 -5.42 -6.75
C LEU A 212 15.18 -4.09 -7.18
N ARG A 213 14.74 -4.00 -8.44
CA ARG A 213 14.14 -2.79 -8.93
C ARG A 213 12.75 -3.19 -9.41
N VAL A 214 11.79 -2.81 -8.62
CA VAL A 214 10.40 -3.14 -8.86
C VAL A 214 9.55 -1.92 -8.55
N GLY A 215 8.38 -1.86 -9.18
CA GLY A 215 7.47 -0.81 -8.88
C GLY A 215 6.56 -1.14 -7.67
N GLY A 216 6.03 -0.10 -7.07
CA GLY A 216 5.00 -0.16 -6.05
C GLY A 216 5.50 -0.24 -4.62
N ALA A 217 4.94 0.64 -3.77
CA ALA A 217 5.15 0.57 -2.32
C ALA A 217 4.49 -0.69 -1.70
N GLY A 218 3.26 -1.00 -2.07
CA GLY A 218 2.58 -2.23 -1.60
C GLY A 218 3.39 -3.45 -1.95
N ASN A 219 3.84 -3.51 -3.22
CA ASN A 219 4.62 -4.68 -3.73
C ASN A 219 5.89 -4.85 -2.89
N LYS A 220 6.58 -3.75 -2.60
CA LYS A 220 7.87 -3.90 -1.88
C LYS A 220 7.68 -4.34 -0.44
N ILE A 221 6.61 -3.90 0.23
CA ILE A 221 6.29 -4.44 1.55
C ILE A 221 5.94 -5.90 1.50
N ILE A 222 5.21 -6.34 0.49
CA ILE A 222 4.94 -7.76 0.31
C ILE A 222 6.26 -8.55 0.10
N GLN A 223 7.23 -7.95 -0.59
CA GLN A 223 8.56 -8.60 -0.72
C GLN A 223 9.22 -8.80 0.61
N LEU A 224 9.02 -7.89 1.55
CA LEU A 224 9.63 -8.05 2.89
C LEU A 224 8.97 -9.24 3.62
N ILE A 225 7.65 -9.28 3.56
CA ILE A 225 6.92 -10.23 4.40
C ILE A 225 7.03 -11.65 3.84
N GLU A 226 7.38 -11.78 2.56
CA GLU A 226 7.49 -13.09 1.91
C GLU A 226 8.96 -13.52 1.69
N GLY A 227 9.85 -12.73 2.28
CA GLY A 227 11.29 -13.06 2.26
C GLY A 227 11.99 -12.94 0.93
N LYS A 228 11.51 -12.04 0.07
CA LYS A 228 12.16 -11.77 -1.18
C LYS A 228 13.17 -10.63 -1.06
N ALA A 229 13.03 -9.77 -0.05
CA ALA A 229 13.94 -8.68 0.16
C ALA A 229 14.06 -8.54 1.66
N SER A 230 15.17 -7.99 2.09
CA SER A 230 15.39 -7.75 3.50
C SER A 230 15.15 -6.33 3.90
N ALA A 231 15.28 -5.40 2.95
CA ALA A 231 14.99 -4.01 3.25
C ALA A 231 14.45 -3.30 2.05
N TYR A 232 13.51 -2.39 2.27
CA TYR A 232 13.00 -1.47 1.29
C TYR A 232 13.61 -0.12 1.62
N VAL A 233 14.38 0.42 0.69
CA VAL A 233 15.15 1.64 0.97
C VAL A 233 14.87 2.64 -0.12
N PHE A 234 14.18 3.75 0.21
CA PHE A 234 13.79 4.77 -0.77
C PHE A 234 14.09 6.18 -0.20
N ALA A 235 15.28 6.66 -0.44
CA ALA A 235 15.80 7.92 0.10
C ALA A 235 15.42 9.04 -0.82
N SER A 236 14.12 9.36 -0.83
CA SER A 236 13.58 10.36 -1.74
C SER A 236 12.16 10.70 -1.34
N PRO A 237 11.78 11.94 -1.56
CA PRO A 237 10.37 12.26 -1.49
C PRO A 237 9.66 11.58 -2.67
N GLY A 238 8.35 11.55 -2.71
CA GLY A 238 7.68 10.93 -3.85
C GLY A 238 6.54 10.06 -3.46
N CYS A 239 6.73 9.31 -2.40
CA CYS A 239 5.65 8.51 -1.98
C CYS A 239 4.85 9.27 -0.91
N LYS A 240 3.61 8.86 -0.73
CA LYS A 240 2.65 9.59 0.05
C LYS A 240 2.01 8.74 1.10
N LYS A 241 1.16 9.36 1.94
CA LYS A 241 0.62 8.54 3.04
C LYS A 241 -0.23 7.32 2.56
N TRP A 242 -0.93 7.46 1.45
CA TRP A 242 -1.68 6.30 0.91
C TRP A 242 -0.79 5.13 0.41
N ASP A 243 0.47 5.40 0.10
CA ASP A 243 1.44 4.37 -0.32
C ASP A 243 1.91 3.57 0.87
N THR A 244 1.93 4.20 2.04
CA THR A 244 2.48 3.56 3.22
C THR A 244 1.52 3.11 4.32
N CYS A 245 0.28 3.63 4.33
CA CYS A 245 -0.68 3.35 5.43
C CYS A 245 -1.04 1.85 5.49
N ALA A 246 -1.65 1.32 4.44
CA ALA A 246 -2.02 -0.11 4.51
C ALA A 246 -0.80 -1.03 4.62
N PRO A 247 0.26 -0.78 3.85
CA PRO A 247 1.47 -1.67 3.93
C PRO A 247 2.14 -1.66 5.28
N GLU A 248 2.18 -0.53 5.94
CA GLU A 248 2.80 -0.53 7.24
C GLU A 248 2.03 -1.36 8.25
N VAL A 249 0.69 -1.37 8.15
CA VAL A 249 -0.11 -2.19 9.06
C VAL A 249 0.27 -3.64 8.92
N ILE A 250 0.31 -4.11 7.66
CA ILE A 250 0.63 -5.54 7.42
C ILE A 250 2.03 -5.88 7.89
N LEU A 251 3.01 -5.01 7.59
CA LEU A 251 4.38 -5.20 8.07
C LEU A 251 4.47 -5.19 9.61
N HIS A 252 3.89 -4.19 10.26
CA HIS A 252 3.87 -4.12 11.72
C HIS A 252 3.27 -5.36 12.34
N ALA A 253 2.20 -5.85 11.72
CA ALA A 253 1.47 -7.01 12.25
C ALA A 253 2.36 -8.26 12.29
N VAL A 254 3.43 -8.34 11.51
CA VAL A 254 4.34 -9.48 11.57
C VAL A 254 5.70 -9.09 12.18
N GLY A 255 5.71 -8.01 12.94
CA GLY A 255 6.92 -7.59 13.70
C GLY A 255 7.93 -6.72 12.98
N GLY A 256 7.60 -6.24 11.77
CA GLY A 256 8.50 -5.37 11.04
C GLY A 256 8.39 -3.90 11.46
N LYS A 257 9.17 -3.05 10.79
CA LYS A 257 9.26 -1.65 11.04
C LYS A 257 9.29 -0.86 9.75
N LEU A 258 8.55 0.24 9.72
CA LEU A 258 8.55 1.18 8.60
C LEU A 258 8.68 2.57 9.19
N THR A 259 9.70 3.28 8.71
CA THR A 259 9.94 4.64 9.13
C THR A 259 10.40 5.48 7.95
N ASP A 260 10.62 6.78 8.18
CA ASP A 260 11.38 7.54 7.22
C ASP A 260 12.87 7.23 7.32
N ILE A 261 13.69 7.83 6.44
CA ILE A 261 15.09 7.43 6.46
C ILE A 261 15.81 7.95 7.71
N HIS A 262 15.24 8.95 8.39
CA HIS A 262 15.70 9.40 9.72
C HIS A 262 15.36 8.47 10.90
N GLY A 263 14.43 7.54 10.70
CA GLY A 263 14.00 6.67 11.75
C GLY A 263 12.72 7.14 12.43
N ASN A 264 12.06 8.18 11.90
CA ASN A 264 10.76 8.66 12.42
C ASN A 264 9.60 7.80 11.93
N VAL A 265 8.67 7.48 12.83
CA VAL A 265 7.42 6.88 12.38
C VAL A 265 6.61 7.85 11.60
N LEU A 266 5.84 7.34 10.65
CA LEU A 266 4.96 8.19 9.87
C LEU A 266 3.63 8.39 10.59
N GLN A 267 2.97 9.51 10.31
CA GLN A 267 1.71 9.85 10.94
C GLN A 267 0.62 9.91 9.92
N TYR A 268 -0.61 9.69 10.34
CA TYR A 268 -1.75 9.43 9.42
C TYR A 268 -3.02 10.16 9.86
N HIS A 269 -2.85 11.21 10.65
CA HIS A 269 -4.01 12.03 11.01
C HIS A 269 -4.58 12.70 9.81
N LYS A 270 -5.85 13.09 9.92
CA LYS A 270 -6.59 13.62 8.83
C LYS A 270 -5.89 14.79 8.11
N ASP A 271 -5.21 15.63 8.88
CA ASP A 271 -4.59 16.88 8.40
C ASP A 271 -3.09 16.79 8.22
N VAL A 272 -2.53 15.58 8.23
CA VAL A 272 -1.11 15.42 8.00
C VAL A 272 -0.73 15.70 6.52
N LYS A 273 0.46 16.24 6.26
CA LYS A 273 0.87 16.50 4.87
C LYS A 273 0.94 15.14 4.16
N HIS A 274 0.49 15.10 2.92
CA HIS A 274 0.44 13.84 2.21
C HIS A 274 1.81 13.30 1.88
N MET A 275 2.79 14.16 1.58
CA MET A 275 4.16 13.72 1.16
C MET A 275 4.95 13.05 2.29
N ASN A 276 5.60 11.97 1.99
CA ASN A 276 6.57 11.33 2.87
C ASN A 276 7.91 11.95 2.40
N SER A 277 8.21 13.13 2.92
CA SER A 277 9.28 13.95 2.35
C SER A 277 10.68 13.45 2.75
N ALA A 278 10.76 12.60 3.76
CA ALA A 278 12.01 12.01 4.19
C ALA A 278 12.15 10.54 3.79
N GLY A 279 11.44 10.12 2.75
CA GLY A 279 11.56 8.81 2.26
C GLY A 279 11.03 7.70 3.12
N VAL A 280 11.43 6.48 2.80
CA VAL A 280 10.95 5.29 3.42
C VAL A 280 12.10 4.30 3.64
N LEU A 281 12.18 3.77 4.86
CA LEU A 281 13.04 2.64 5.28
C LEU A 281 12.10 1.59 5.94
N ALA A 282 12.04 0.38 5.38
CA ALA A 282 11.19 -0.65 5.95
C ALA A 282 11.92 -2.00 5.94
N THR A 283 11.75 -2.77 7.03
CA THR A 283 12.35 -4.07 7.16
C THR A 283 11.38 -5.03 7.84
N LEU A 284 11.53 -6.31 7.59
CA LEU A 284 10.85 -7.30 8.40
C LEU A 284 11.65 -7.53 9.72
N ARG A 285 12.96 -7.72 9.57
CA ARG A 285 13.88 -7.90 10.68
C ARG A 285 15.16 -7.13 10.44
N ASN A 286 15.97 -7.05 11.49
CA ASN A 286 17.29 -6.43 11.45
C ASN A 286 17.29 -4.96 10.99
N TYR A 287 16.28 -4.21 11.45
CA TYR A 287 16.13 -2.81 11.10
C TYR A 287 17.42 -2.00 11.32
N ASP A 288 18.06 -2.18 12.48
CA ASP A 288 19.22 -1.36 12.89
C ASP A 288 20.41 -1.52 11.96
N TYR A 289 20.56 -2.70 11.35
CA TYR A 289 21.62 -2.86 10.37
C TYR A 289 21.50 -1.77 9.27
N TYR A 290 20.30 -1.65 8.74
CA TYR A 290 20.03 -0.74 7.65
C TYR A 290 19.99 0.72 8.12
N ALA A 291 19.26 0.99 9.20
CA ALA A 291 19.08 2.36 9.66
C ALA A 291 20.45 3.00 10.00
N SER A 292 21.34 2.19 10.59
CA SER A 292 22.62 2.68 11.10
C SER A 292 23.55 2.93 9.93
N ARG A 293 23.20 2.48 8.73
CA ARG A 293 24.02 2.72 7.55
C ARG A 293 23.57 3.86 6.61
N VAL A 294 22.41 4.49 6.86
CA VAL A 294 21.96 5.63 6.08
C VAL A 294 22.97 6.75 6.29
N PRO A 295 23.60 7.22 5.21
CA PRO A 295 24.62 8.27 5.40
C PRO A 295 24.05 9.61 5.89
N GLU A 296 24.81 10.31 6.72
CA GLU A 296 24.33 11.60 7.26
C GLU A 296 24.06 12.64 6.18
N SER A 297 24.86 12.62 5.13
CA SER A 297 24.61 13.53 3.97
C SER A 297 23.27 13.35 3.33
N ILE A 298 22.80 12.11 3.37
CA ILE A 298 21.54 11.82 2.75
C ILE A 298 20.42 12.26 3.69
N LYS A 299 20.58 11.96 4.98
CA LYS A 299 19.64 12.51 5.97
C LYS A 299 19.50 14.00 5.86
N ASN A 300 20.63 14.70 5.71
CA ASN A 300 20.64 16.16 5.63
C ASN A 300 19.99 16.70 4.35
N ALA A 301 19.98 15.90 3.29
CA ALA A 301 19.38 16.24 2.00
C ALA A 301 17.85 16.21 1.96
N LEU A 302 17.24 15.47 2.88
CA LEU A 302 15.81 15.35 2.99
C LEU A 302 15.33 16.05 4.29
N VAL A 303 14.17 16.66 4.33
CA VAL A 303 13.63 17.00 5.70
C VAL A 303 12.23 16.42 5.84
N PRO A 304 11.64 16.42 7.05
CA PRO A 304 10.15 16.48 7.01
C PRO A 304 9.66 17.83 6.53
MG MG B . 1.09 4.73 -4.97
MG MG C . -1.83 5.03 -7.18
MG MG D . 0.75 8.48 -8.44
P PO4 E . 0.71 5.25 -8.15
O1 PO4 E . 1.42 6.62 -8.12
O2 PO4 E . 1.61 4.19 -8.82
O3 PO4 E . 0.22 4.84 -6.73
O4 PO4 E . -0.62 5.49 -8.98
P AMP F . 7.97 3.28 -6.73
O1P AMP F . 8.89 2.49 -5.82
O2P AMP F . 8.76 4.15 -7.62
O3P AMP F . 6.88 2.54 -7.41
O5' AMP F . 7.28 4.36 -5.78
C5' AMP F . 6.34 3.98 -4.75
C4' AMP F . 5.08 4.82 -4.84
O4' AMP F . 5.37 6.19 -4.68
C3' AMP F . 4.35 4.81 -6.22
O3' AMP F . 2.99 5.37 -6.11
C2' AMP F . 4.98 5.88 -7.00
O2' AMP F . 4.17 6.29 -8.10
C1' AMP F . 5.10 6.91 -5.88
N9 AMP F . 6.25 7.71 -6.24
C8 AMP F . 7.51 7.53 -5.83
N7 AMP F . 8.31 8.48 -6.32
C5 AMP F . 7.53 9.25 -7.13
C6 AMP F . 7.72 10.41 -7.99
N6 AMP F . 8.93 10.96 -8.14
N1 AMP F . 6.63 10.91 -8.64
C2 AMP F . 5.41 10.37 -8.51
N3 AMP F . 5.15 9.32 -7.73
C4 AMP F . 6.17 8.75 -7.03
#